data_5KL8
#
_entry.id   5KL8
#
_cell.length_a   135.102
_cell.length_b   135.102
_cell.length_c   220.402
_cell.angle_alpha   90.000
_cell.angle_beta   90.000
_cell.angle_gamma   120.000
#
_symmetry.space_group_name_H-M   'P 65 2 2'
#
loop_
_entity.id
_entity.type
_entity.pdbx_description
1 polymer 'Maternal protein pumilio'
2 polymer 'Protein nanos'
3 polymer "RNA (5'-R(*UP*AP*UP*UP*UP*GP*UP*AP*AP*UP*U)-3')"
4 non-polymer 'ZINC ION'
#
loop_
_entity_poly.entity_id
_entity_poly.type
_entity_poly.pdbx_seq_one_letter_code
_entity_poly.pdbx_strand_id
1 'polypeptide(L)'
;SGRSRLLEDFRNQRYPNLQLRDLANHIVEFSQDQHGSRFIQQKLERATAAEKQMVFSEILAAAYSLMTDVFGNYVIQKFF
EFGTPEQKNTLGMQVKGHVLQLALQMYGCRVIQKALESISPEQQQEIVHELDGHVLKCVKDQNGNHVVQKCIECVDPVAL
QFIINAFKGQVYSLSTHPYGCRVIQRILEHCTAEQTTPILDELHEHTEQLIQDQYGNYVIQHVLEHGKQEDKSILINSVR
GKVLVLSQHKFASNVVEKCVTHATRGERTGLIDEVCTFNDNALHVMMKDQYANYVVQKMIDVSEPTQLKKLMTKIRPHMA
ALRKYTYGKHINAKLEK
;
A
2 'polypeptide(L)'
;SRGASNSSNNNNNNNKVYKRYNSKAKEISRHCVFCENNNEPEAVINSHSVRDNFNRVLCPKLRTYVCPICGASGDSAHTI
KYCPKKPIITMEDAIKAESFRLAKSSYYKQQMKVV
;
B
3 'polyribonucleotide' UAUUUGUAAUUUAU C
#
# COMPACT_ATOMS: atom_id res chain seq x y z
N ARG A 3 -32.59 30.61 -18.66
CA ARG A 3 -32.52 29.83 -17.42
C ARG A 3 -31.31 30.21 -16.59
N SER A 4 -30.30 30.77 -17.26
CA SER A 4 -29.14 31.29 -16.54
C SER A 4 -29.49 32.52 -15.71
N ARG A 5 -30.57 33.23 -16.05
CA ARG A 5 -31.06 34.29 -15.19
C ARG A 5 -31.55 33.74 -13.85
N LEU A 6 -32.08 32.52 -13.85
CA LEU A 6 -32.38 31.84 -12.59
C LEU A 6 -31.14 31.23 -11.95
N LEU A 7 -30.09 30.97 -12.75
CA LEU A 7 -28.80 30.60 -12.18
C LEU A 7 -28.20 31.73 -11.37
N GLU A 8 -28.29 32.96 -11.88
CA GLU A 8 -27.83 34.12 -11.13
C GLU A 8 -28.90 34.69 -10.20
N ASP A 9 -30.13 34.17 -10.25
CA ASP A 9 -31.14 34.49 -9.25
C ASP A 9 -31.16 33.50 -8.10
N PHE A 10 -30.51 32.34 -8.26
CA PHE A 10 -30.26 31.44 -7.15
C PHE A 10 -28.83 31.54 -6.62
N ARG A 11 -27.88 31.99 -7.45
CA ARG A 11 -26.56 32.33 -6.93
C ARG A 11 -26.64 33.55 -6.02
N ASN A 12 -27.61 34.43 -6.25
CA ASN A 12 -27.99 35.45 -5.29
C ASN A 12 -28.87 34.90 -4.17
N GLN A 13 -29.31 33.65 -4.28
CA GLN A 13 -30.10 32.99 -3.25
C GLN A 13 -31.39 33.75 -2.94
N GLN A 32 -24.85 20.40 -11.93
CA GLN A 32 -23.54 20.67 -12.49
C GLN A 32 -22.81 21.74 -11.67
N ASP A 33 -23.57 22.41 -10.80
CA ASP A 33 -23.01 23.29 -9.80
C ASP A 33 -23.07 22.59 -8.45
N GLN A 34 -22.06 22.84 -7.60
CA GLN A 34 -21.94 22.08 -6.36
C GLN A 34 -23.14 22.29 -5.45
N HIS A 35 -23.67 23.51 -5.42
CA HIS A 35 -24.88 23.77 -4.64
C HIS A 35 -26.03 22.89 -5.11
N GLY A 36 -26.32 22.91 -6.42
CA GLY A 36 -27.43 22.14 -6.93
C GLY A 36 -27.23 20.64 -6.79
N SER A 37 -26.00 20.17 -7.01
CA SER A 37 -25.74 18.74 -6.92
C SER A 37 -25.87 18.24 -5.48
N ARG A 38 -25.30 18.98 -4.52
CA ARG A 38 -25.37 18.53 -3.13
C ARG A 38 -26.77 18.72 -2.53
N PHE A 39 -27.52 19.72 -3.00
CA PHE A 39 -28.91 19.84 -2.58
C PHE A 39 -29.76 18.72 -3.17
N ILE A 40 -29.47 18.34 -4.41
CA ILE A 40 -30.07 17.12 -4.97
C ILE A 40 -29.75 15.93 -4.07
N GLN A 41 -28.51 15.85 -3.58
CA GLN A 41 -28.12 14.74 -2.72
C GLN A 41 -28.90 14.75 -1.41
N GLN A 42 -29.07 15.92 -0.80
CA GLN A 42 -29.75 15.99 0.49
C GLN A 42 -31.27 16.02 0.39
N LYS A 43 -31.83 16.16 -0.82
CA LYS A 43 -33.27 16.10 -0.99
C LYS A 43 -33.71 14.95 -1.90
N LEU A 44 -32.78 14.13 -2.39
CA LEU A 44 -33.17 12.95 -3.15
C LEU A 44 -33.89 11.93 -2.30
N GLU A 45 -33.69 11.96 -0.98
CA GLU A 45 -34.38 11.07 -0.05
C GLU A 45 -35.84 11.44 0.14
N ARG A 46 -36.26 12.60 -0.36
CA ARG A 46 -37.62 13.09 -0.27
C ARG A 46 -38.24 13.11 -1.68
N ALA A 47 -39.22 13.98 -1.87
CA ALA A 47 -39.86 14.20 -3.17
C ALA A 47 -40.56 12.94 -3.70
N THR A 48 -41.03 13.01 -4.94
CA THR A 48 -41.84 11.95 -5.54
C THR A 48 -40.99 11.08 -6.45
N ALA A 49 -41.42 9.83 -6.63
CA ALA A 49 -40.83 8.98 -7.66
C ALA A 49 -41.15 9.49 -9.06
N ALA A 50 -42.20 10.29 -9.22
CA ALA A 50 -42.50 10.90 -10.51
C ALA A 50 -41.43 11.92 -10.88
N GLU A 51 -40.91 12.65 -9.90
CA GLU A 51 -39.77 13.53 -10.18
C GLU A 51 -38.51 12.73 -10.40
N LYS A 52 -38.37 11.57 -9.76
CA LYS A 52 -37.22 10.71 -10.01
C LYS A 52 -37.18 10.24 -11.45
N GLN A 53 -38.29 9.65 -11.93
CA GLN A 53 -38.37 9.25 -13.33
C GLN A 53 -38.33 10.46 -14.25
N MET A 54 -38.79 11.62 -13.78
CA MET A 54 -38.68 12.84 -14.56
C MET A 54 -37.23 13.17 -14.86
N VAL A 55 -36.41 13.25 -13.82
CA VAL A 55 -35.00 13.60 -14.01
C VAL A 55 -34.27 12.48 -14.76
N PHE A 56 -34.49 11.23 -14.37
CA PHE A 56 -33.82 10.12 -15.03
C PHE A 56 -34.13 10.10 -16.52
N SER A 57 -35.39 10.34 -16.89
CA SER A 57 -35.74 10.43 -18.30
C SER A 57 -35.20 11.71 -18.94
N GLU A 58 -34.94 12.74 -18.15
CA GLU A 58 -34.27 13.94 -18.66
C GLU A 58 -32.77 13.78 -18.77
N ILE A 59 -32.21 12.66 -18.31
CA ILE A 59 -30.78 12.42 -18.39
C ILE A 59 -30.43 11.37 -19.45
N LEU A 60 -31.31 10.39 -19.68
CA LEU A 60 -31.03 9.25 -20.54
C LEU A 60 -30.62 9.63 -21.96
N ALA A 61 -30.86 10.89 -22.38
CA ALA A 61 -30.52 11.32 -23.73
C ALA A 61 -29.04 11.11 -24.06
N ALA A 62 -28.16 11.95 -23.52
CA ALA A 62 -26.72 11.86 -23.78
C ALA A 62 -25.95 11.95 -22.45
N ALA A 63 -26.18 10.97 -21.59
CA ALA A 63 -25.45 10.86 -20.33
C ALA A 63 -23.97 10.57 -20.54
N TYR A 64 -23.58 10.14 -21.74
CA TYR A 64 -22.18 9.89 -22.05
C TYR A 64 -21.30 11.10 -21.73
N SER A 65 -21.85 12.31 -21.86
CA SER A 65 -21.11 13.51 -21.48
C SER A 65 -21.32 13.89 -20.01
N LEU A 66 -22.47 13.54 -19.44
CA LEU A 66 -22.75 13.82 -18.04
C LEU A 66 -21.95 12.93 -17.09
N MET A 67 -21.34 11.85 -17.59
CA MET A 67 -20.47 11.04 -16.74
C MET A 67 -19.24 11.84 -16.34
N THR A 68 -18.54 12.41 -17.33
CA THR A 68 -17.31 13.16 -17.08
C THR A 68 -17.62 14.55 -16.53
N ASP A 69 -18.35 14.60 -15.41
CA ASP A 69 -18.65 15.84 -14.73
C ASP A 69 -18.04 15.82 -13.34
N VAL A 70 -17.43 16.93 -12.95
CA VAL A 70 -16.79 17.02 -11.64
C VAL A 70 -17.81 16.87 -10.52
N PHE A 71 -19.02 17.40 -10.72
CA PHE A 71 -20.05 17.26 -9.69
C PHE A 71 -21.38 16.72 -10.20
N GLY A 72 -21.51 16.46 -11.51
CA GLY A 72 -22.60 15.59 -11.95
C GLY A 72 -22.41 14.16 -11.50
N ASN A 73 -21.17 13.78 -11.20
CA ASN A 73 -20.89 12.39 -10.86
C ASN A 73 -21.31 12.10 -9.43
N TYR A 74 -21.25 13.10 -8.54
CA TYR A 74 -21.90 13.01 -7.24
C TYR A 74 -23.37 12.67 -7.40
N VAL A 75 -24.04 13.30 -8.37
CA VAL A 75 -25.47 13.08 -8.58
C VAL A 75 -25.72 11.67 -9.11
N ILE A 76 -24.97 11.26 -10.13
CA ILE A 76 -25.12 9.92 -10.67
C ILE A 76 -24.91 8.88 -9.57
N GLN A 77 -23.86 9.06 -8.76
CA GLN A 77 -23.61 8.15 -7.65
C GLN A 77 -24.79 8.12 -6.69
N LYS A 78 -25.31 9.30 -6.34
CA LYS A 78 -26.39 9.37 -5.35
C LYS A 78 -27.66 8.72 -5.87
N PHE A 79 -27.93 8.82 -7.16
CA PHE A 79 -29.13 8.21 -7.73
C PHE A 79 -28.96 6.74 -8.07
N PHE A 80 -27.72 6.25 -8.20
CA PHE A 80 -27.61 4.81 -8.44
C PHE A 80 -28.15 3.95 -7.26
N GLU A 81 -28.91 4.43 -6.27
CA GLU A 81 -29.32 3.60 -5.14
C GLU A 81 -30.79 3.82 -4.81
N PHE A 82 -31.17 5.10 -4.69
CA PHE A 82 -32.52 5.47 -4.26
C PHE A 82 -33.58 5.16 -5.33
N GLY A 83 -33.18 4.96 -6.59
CA GLY A 83 -34.15 4.71 -7.63
C GLY A 83 -34.43 3.25 -7.85
N THR A 84 -35.52 2.98 -8.55
CA THR A 84 -35.84 1.62 -8.97
C THR A 84 -34.74 1.12 -9.91
N PRO A 85 -34.41 -0.17 -9.87
CA PRO A 85 -33.30 -0.69 -10.69
C PRO A 85 -33.54 -0.56 -12.19
N GLU A 86 -34.78 -0.35 -12.61
CA GLU A 86 -35.04 -0.11 -14.03
C GLU A 86 -34.20 1.05 -14.56
N GLN A 87 -34.06 2.12 -13.78
CA GLN A 87 -33.22 3.23 -14.17
C GLN A 87 -31.75 2.82 -14.21
N LYS A 88 -31.34 1.96 -13.29
CA LYS A 88 -29.96 1.47 -13.28
C LYS A 88 -29.65 0.73 -14.59
N ASN A 89 -30.58 -0.10 -15.05
CA ASN A 89 -30.35 -0.84 -16.28
C ASN A 89 -30.42 0.07 -17.51
N THR A 90 -31.50 0.86 -17.61
CA THR A 90 -31.69 1.71 -18.78
C THR A 90 -30.56 2.71 -18.93
N LEU A 91 -30.03 3.23 -17.82
CA LEU A 91 -28.83 4.06 -17.91
C LEU A 91 -27.58 3.22 -18.12
N GLY A 92 -27.60 1.96 -17.68
CA GLY A 92 -26.47 1.08 -17.94
C GLY A 92 -26.25 0.86 -19.43
N MET A 93 -27.34 0.79 -20.20
CA MET A 93 -27.19 0.60 -21.63
C MET A 93 -26.67 1.85 -22.32
N GLN A 94 -26.92 3.02 -21.73
CA GLN A 94 -26.48 4.29 -22.31
C GLN A 94 -25.02 4.56 -22.01
N VAL A 95 -24.26 3.50 -21.75
CA VAL A 95 -22.84 3.63 -21.40
C VAL A 95 -22.01 2.70 -22.27
N LYS A 96 -22.49 1.47 -22.48
CA LYS A 96 -21.73 0.50 -23.26
C LYS A 96 -21.55 1.00 -24.70
N GLY A 97 -20.36 0.76 -25.25
CA GLY A 97 -19.92 1.35 -26.49
C GLY A 97 -18.86 2.41 -26.30
N HIS A 98 -18.61 2.84 -25.06
CA HIS A 98 -17.69 3.92 -24.75
C HIS A 98 -17.02 3.71 -23.40
N VAL A 99 -16.76 2.45 -23.04
CA VAL A 99 -16.24 2.12 -21.72
C VAL A 99 -14.73 2.29 -21.66
N LEU A 100 -14.01 1.90 -22.72
CA LEU A 100 -12.57 2.15 -22.80
C LEU A 100 -12.26 3.64 -22.77
N GLN A 101 -13.23 4.49 -23.10
CA GLN A 101 -13.05 5.94 -23.05
C GLN A 101 -13.40 6.53 -21.69
N LEU A 102 -14.40 5.98 -21.01
CA LEU A 102 -14.85 6.51 -19.72
C LEU A 102 -14.20 5.82 -18.53
N ALA A 103 -13.39 4.79 -18.75
CA ALA A 103 -12.72 4.12 -17.65
C ALA A 103 -11.45 4.84 -17.24
N LEU A 104 -10.77 5.50 -18.18
CA LEU A 104 -9.59 6.28 -17.87
C LEU A 104 -9.94 7.68 -17.37
N GLN A 105 -11.11 8.19 -17.75
CA GLN A 105 -11.53 9.50 -17.27
C GLN A 105 -11.83 9.45 -15.78
N MET A 106 -11.33 10.47 -15.07
CA MET A 106 -11.41 10.52 -13.61
C MET A 106 -12.84 10.40 -13.10
N TYR A 107 -13.68 11.38 -13.41
CA TYR A 107 -15.04 11.38 -12.90
C TYR A 107 -15.86 10.23 -13.47
N GLY A 108 -15.60 9.87 -14.74
CA GLY A 108 -16.27 8.71 -15.31
C GLY A 108 -15.96 7.44 -14.55
N CYS A 109 -14.72 7.32 -14.05
CA CYS A 109 -14.31 6.09 -13.39
C CYS A 109 -14.74 6.08 -11.93
N ARG A 110 -14.84 7.25 -11.30
CA ARG A 110 -15.53 7.35 -10.02
C ARG A 110 -16.98 6.91 -10.17
N VAL A 111 -17.64 7.33 -11.25
CA VAL A 111 -19.00 6.87 -11.54
C VAL A 111 -19.03 5.36 -11.65
N ILE A 112 -18.11 4.80 -12.46
CA ILE A 112 -18.10 3.36 -12.70
C ILE A 112 -17.92 2.60 -11.39
N GLN A 113 -16.83 2.86 -10.67
CA GLN A 113 -16.55 2.09 -9.46
C GLN A 113 -17.58 2.34 -8.37
N LYS A 114 -18.25 3.50 -8.39
CA LYS A 114 -19.37 3.71 -7.49
C LYS A 114 -20.67 3.15 -8.05
N ALA A 115 -20.63 2.54 -9.23
CA ALA A 115 -21.81 1.97 -9.86
C ALA A 115 -21.74 0.46 -10.00
N LEU A 116 -20.57 -0.15 -9.81
CA LEU A 116 -20.42 -1.59 -9.93
C LEU A 116 -20.96 -2.37 -8.73
N GLU A 117 -21.44 -1.69 -7.71
CA GLU A 117 -21.98 -2.33 -6.52
C GLU A 117 -23.49 -2.18 -6.38
N SER A 118 -24.16 -1.64 -7.41
CA SER A 118 -25.59 -1.43 -7.38
C SER A 118 -26.34 -2.16 -8.49
N ILE A 119 -25.70 -2.40 -9.64
CA ILE A 119 -26.38 -3.02 -10.77
C ILE A 119 -26.49 -4.53 -10.56
N SER A 120 -27.16 -5.20 -11.50
CA SER A 120 -27.31 -6.65 -11.47
C SER A 120 -26.01 -7.32 -11.89
N PRO A 121 -25.75 -8.53 -11.40
CA PRO A 121 -24.52 -9.25 -11.82
C PRO A 121 -24.47 -9.56 -13.31
N GLU A 122 -25.62 -9.59 -14.00
CA GLU A 122 -25.60 -9.88 -15.43
C GLU A 122 -25.03 -8.71 -16.23
N GLN A 123 -25.58 -7.51 -16.03
CA GLN A 123 -25.01 -6.31 -16.63
C GLN A 123 -23.55 -6.14 -16.22
N GLN A 124 -23.24 -6.47 -14.97
CA GLN A 124 -21.86 -6.51 -14.51
C GLN A 124 -21.00 -7.39 -15.40
N GLN A 125 -21.48 -8.61 -15.68
CA GLN A 125 -20.76 -9.52 -16.55
C GLN A 125 -20.61 -8.96 -17.96
N GLU A 126 -21.62 -8.21 -18.42
CA GLU A 126 -21.50 -7.52 -19.70
C GLU A 126 -20.34 -6.53 -19.68
N ILE A 127 -20.22 -5.77 -18.59
CA ILE A 127 -19.11 -4.83 -18.45
C ILE A 127 -17.77 -5.57 -18.41
N VAL A 128 -17.73 -6.72 -17.74
CA VAL A 128 -16.50 -7.50 -17.70
C VAL A 128 -16.13 -7.98 -19.11
N HIS A 129 -17.12 -8.41 -19.88
CA HIS A 129 -16.86 -8.83 -21.26
C HIS A 129 -16.52 -7.66 -22.17
N GLU A 130 -16.81 -6.42 -21.75
CA GLU A 130 -16.51 -5.28 -22.60
C GLU A 130 -15.01 -5.09 -22.82
N LEU A 131 -14.19 -5.36 -21.79
CA LEU A 131 -12.76 -5.14 -21.88
C LEU A 131 -12.01 -6.43 -21.53
N ASP A 132 -11.42 -7.05 -22.54
CA ASP A 132 -10.56 -8.21 -22.37
C ASP A 132 -9.23 -7.94 -23.04
N GLY A 133 -8.18 -8.56 -22.51
CA GLY A 133 -6.83 -8.35 -22.97
C GLY A 133 -6.32 -6.94 -22.83
N HIS A 134 -7.16 -5.98 -22.39
CA HIS A 134 -6.73 -4.60 -22.31
C HIS A 134 -5.93 -4.31 -21.05
N VAL A 135 -5.94 -5.22 -20.08
CA VAL A 135 -5.37 -5.03 -18.73
C VAL A 135 -4.03 -4.32 -18.77
N LEU A 136 -3.21 -4.67 -19.77
CA LEU A 136 -1.91 -4.04 -19.99
C LEU A 136 -1.96 -2.53 -19.80
N LYS A 137 -2.72 -1.84 -20.66
CA LYS A 137 -2.80 -0.39 -20.61
C LYS A 137 -3.87 0.10 -19.63
N CYS A 138 -4.51 -0.79 -18.87
CA CYS A 138 -5.58 -0.38 -17.96
C CYS A 138 -5.03 -0.04 -16.57
N VAL A 139 -4.39 -1.02 -15.92
CA VAL A 139 -3.77 -0.77 -14.63
C VAL A 139 -2.59 0.19 -14.77
N LYS A 140 -2.03 0.30 -15.97
CA LYS A 140 -0.99 1.28 -16.26
C LYS A 140 -1.59 2.67 -16.47
N ASP A 141 -2.72 2.94 -15.81
CA ASP A 141 -3.34 4.26 -15.80
C ASP A 141 -3.63 4.65 -14.37
N GLN A 142 -3.61 5.97 -14.11
CA GLN A 142 -3.87 6.49 -12.77
C GLN A 142 -5.29 6.16 -12.30
N ASN A 143 -6.20 5.87 -13.23
CA ASN A 143 -7.60 5.61 -12.88
C ASN A 143 -8.05 4.18 -13.10
N GLY A 144 -7.41 3.45 -14.02
CA GLY A 144 -7.84 2.09 -14.30
C GLY A 144 -7.62 1.14 -13.15
N ASN A 145 -6.55 1.34 -12.38
CA ASN A 145 -6.21 0.41 -11.31
C ASN A 145 -7.28 0.38 -10.22
N HIS A 146 -7.78 1.56 -9.83
CA HIS A 146 -8.81 1.62 -8.81
C HIS A 146 -10.05 0.84 -9.22
N VAL A 147 -10.50 1.04 -10.46
CA VAL A 147 -11.68 0.32 -10.94
C VAL A 147 -11.40 -1.18 -10.99
N VAL A 148 -10.20 -1.55 -11.45
CA VAL A 148 -9.83 -2.97 -11.49
C VAL A 148 -9.96 -3.59 -10.11
N GLN A 149 -9.40 -2.94 -9.09
CA GLN A 149 -9.52 -3.45 -7.73
C GLN A 149 -10.99 -3.56 -7.33
N LYS A 150 -11.77 -2.51 -7.58
CA LYS A 150 -13.19 -2.53 -7.22
C LYS A 150 -13.91 -3.71 -7.86
N CYS A 151 -13.51 -4.09 -9.07
CA CYS A 151 -14.15 -5.23 -9.73
C CYS A 151 -13.66 -6.55 -9.17
N ILE A 152 -12.38 -6.66 -8.82
CA ILE A 152 -11.89 -7.86 -8.17
C ILE A 152 -12.57 -8.08 -6.83
N GLU A 153 -13.02 -7.00 -6.18
CA GLU A 153 -13.80 -7.15 -4.96
C GLU A 153 -15.26 -7.46 -5.25
N CYS A 154 -15.84 -6.83 -6.27
CA CYS A 154 -17.26 -6.97 -6.54
C CYS A 154 -17.56 -8.21 -7.37
N VAL A 155 -17.04 -8.25 -8.60
CA VAL A 155 -17.41 -9.32 -9.54
C VAL A 155 -16.91 -10.67 -9.03
N ASP A 156 -17.65 -11.72 -9.38
CA ASP A 156 -17.23 -13.08 -9.05
C ASP A 156 -15.85 -13.35 -9.65
N PRO A 157 -14.93 -13.93 -8.89
CA PRO A 157 -13.57 -14.16 -9.42
C PRO A 157 -13.55 -15.02 -10.67
N VAL A 158 -14.51 -15.94 -10.83
CA VAL A 158 -14.47 -16.84 -11.97
C VAL A 158 -14.70 -16.08 -13.28
N ALA A 159 -15.46 -15.00 -13.23
CA ALA A 159 -15.65 -14.13 -14.39
C ALA A 159 -14.41 -13.32 -14.73
N LEU A 160 -13.44 -13.24 -13.83
CA LEU A 160 -12.21 -12.48 -14.03
C LEU A 160 -11.04 -13.38 -14.40
N GLN A 161 -11.31 -14.53 -15.00
CA GLN A 161 -10.23 -15.41 -15.45
C GLN A 161 -9.40 -14.75 -16.55
N PHE A 162 -9.97 -13.78 -17.26
CA PHE A 162 -9.20 -13.03 -18.24
C PHE A 162 -8.08 -12.22 -17.60
N ILE A 163 -8.25 -11.85 -16.32
CA ILE A 163 -7.17 -11.18 -15.60
C ILE A 163 -6.03 -12.14 -15.37
N ILE A 164 -6.33 -13.33 -14.84
CA ILE A 164 -5.31 -14.34 -14.60
C ILE A 164 -4.62 -14.75 -15.90
N ASN A 165 -5.36 -14.74 -17.01
CA ASN A 165 -4.80 -15.13 -18.30
C ASN A 165 -4.19 -13.97 -19.07
N ALA A 166 -4.32 -12.75 -18.57
CA ALA A 166 -3.66 -11.58 -19.15
C ALA A 166 -2.34 -11.26 -18.46
N PHE A 167 -1.89 -12.12 -17.55
CA PHE A 167 -0.68 -11.88 -16.78
C PHE A 167 0.39 -12.94 -16.99
N LYS A 168 0.19 -13.90 -17.89
CA LYS A 168 1.23 -14.89 -18.18
C LYS A 168 2.46 -14.19 -18.75
N GLY A 169 3.54 -14.17 -17.97
CA GLY A 169 4.72 -13.42 -18.30
C GLY A 169 4.73 -11.99 -17.80
N GLN A 170 3.65 -11.54 -17.16
CA GLN A 170 3.48 -10.15 -16.76
C GLN A 170 3.35 -10.01 -15.25
N VAL A 171 3.63 -11.08 -14.49
CA VAL A 171 3.42 -11.06 -13.05
C VAL A 171 4.56 -10.34 -12.35
N TYR A 172 5.80 -10.70 -12.67
CA TYR A 172 6.94 -10.10 -11.99
C TYR A 172 7.12 -8.63 -12.39
N SER A 173 6.88 -8.30 -13.66
CA SER A 173 7.09 -6.94 -14.13
C SER A 173 6.06 -5.98 -13.56
N LEU A 174 4.86 -6.47 -13.20
CA LEU A 174 3.80 -5.62 -12.70
C LEU A 174 3.56 -5.76 -11.21
N SER A 175 4.17 -6.76 -10.55
CA SER A 175 4.03 -6.89 -9.11
C SER A 175 4.84 -5.83 -8.37
N THR A 176 5.94 -5.38 -8.97
CA THR A 176 6.70 -4.24 -8.46
C THR A 176 6.11 -2.91 -8.87
N HIS A 177 5.13 -2.90 -9.77
CA HIS A 177 4.50 -1.67 -10.18
C HIS A 177 3.63 -1.12 -9.05
N PRO A 178 3.63 0.20 -8.82
CA PRO A 178 2.81 0.72 -7.71
C PRO A 178 1.33 0.45 -7.88
N TYR A 179 0.77 0.76 -9.05
CA TYR A 179 -0.63 0.42 -9.31
C TYR A 179 -0.83 -1.08 -9.43
N GLY A 180 0.21 -1.82 -9.81
CA GLY A 180 0.13 -3.26 -9.99
C GLY A 180 0.06 -4.04 -8.71
N CYS A 181 0.78 -3.61 -7.67
CA CYS A 181 0.84 -4.38 -6.43
C CYS A 181 -0.50 -4.35 -5.71
N ARG A 182 -1.20 -3.22 -5.76
CA ARG A 182 -2.56 -3.14 -5.21
C ARG A 182 -3.46 -4.17 -5.88
N VAL A 183 -3.50 -4.17 -7.21
CA VAL A 183 -4.31 -5.13 -7.96
C VAL A 183 -3.90 -6.56 -7.62
N ILE A 184 -2.60 -6.79 -7.41
CA ILE A 184 -2.13 -8.12 -7.05
C ILE A 184 -2.70 -8.55 -5.71
N GLN A 185 -2.69 -7.65 -4.73
CA GLN A 185 -3.27 -7.98 -3.43
C GLN A 185 -4.76 -8.23 -3.53
N ARG A 186 -5.46 -7.44 -4.36
CA ARG A 186 -6.89 -7.64 -4.55
C ARG A 186 -7.17 -9.00 -5.18
N ILE A 187 -6.35 -9.41 -6.14
CA ILE A 187 -6.52 -10.71 -6.76
C ILE A 187 -6.29 -11.82 -5.74
N LEU A 188 -5.20 -11.70 -4.97
CA LEU A 188 -4.86 -12.75 -4.00
C LEU A 188 -5.89 -12.86 -2.89
N GLU A 189 -6.60 -11.77 -2.59
CA GLU A 189 -7.55 -11.81 -1.49
C GLU A 189 -8.94 -12.25 -1.90
N HIS A 190 -9.33 -12.02 -3.16
CA HIS A 190 -10.68 -12.29 -3.64
C HIS A 190 -10.62 -13.18 -4.88
N CYS A 191 -10.26 -14.43 -4.67
CA CYS A 191 -10.22 -15.41 -5.76
C CYS A 191 -10.27 -16.81 -5.16
N THR A 192 -10.22 -17.80 -6.03
CA THR A 192 -10.22 -19.20 -5.64
C THR A 192 -8.79 -19.71 -5.56
N ALA A 193 -8.61 -21.03 -5.55
CA ALA A 193 -7.27 -21.61 -5.56
C ALA A 193 -6.70 -21.67 -6.97
N GLU A 194 -7.55 -21.95 -7.96
CA GLU A 194 -7.07 -22.06 -9.34
C GLU A 194 -6.59 -20.72 -9.88
N GLN A 195 -7.17 -19.62 -9.41
CA GLN A 195 -6.76 -18.30 -9.86
C GLN A 195 -5.57 -17.75 -9.08
N THR A 196 -5.57 -17.94 -7.76
CA THR A 196 -4.44 -17.48 -6.95
C THR A 196 -3.19 -18.31 -7.16
N THR A 197 -3.33 -19.56 -7.63
CA THR A 197 -2.18 -20.47 -7.66
C THR A 197 -1.13 -20.09 -8.69
N PRO A 198 -1.45 -19.93 -9.99
CA PRO A 198 -0.37 -19.70 -10.96
C PRO A 198 0.39 -18.40 -10.72
N ILE A 199 -0.33 -17.33 -10.37
CA ILE A 199 0.32 -16.07 -10.03
C ILE A 199 1.18 -16.25 -8.78
N LEU A 200 0.72 -17.06 -7.84
CA LEU A 200 1.47 -17.31 -6.61
C LEU A 200 2.79 -18.01 -6.91
N ASP A 201 2.77 -18.97 -7.83
CA ASP A 201 4.02 -19.61 -8.23
C ASP A 201 4.92 -18.64 -8.99
N GLU A 202 4.32 -17.81 -9.86
CA GLU A 202 5.07 -16.74 -10.51
C GLU A 202 5.75 -15.84 -9.49
N LEU A 203 5.15 -15.68 -8.32
CA LEU A 203 5.79 -14.91 -7.25
C LEU A 203 6.86 -15.73 -6.54
N HIS A 204 6.63 -17.04 -6.37
CA HIS A 204 7.65 -17.91 -5.78
C HIS A 204 8.89 -17.99 -6.65
N GLU A 205 8.79 -17.62 -7.94
CA GLU A 205 9.96 -17.62 -8.81
C GLU A 205 10.91 -16.47 -8.46
N HIS A 206 10.39 -15.23 -8.51
CA HIS A 206 11.22 -14.04 -8.38
C HIS A 206 11.19 -13.43 -6.97
N THR A 207 11.09 -14.27 -5.93
CA THR A 207 10.93 -13.77 -4.57
C THR A 207 12.12 -12.91 -4.14
N GLU A 208 13.33 -13.45 -4.28
CA GLU A 208 14.53 -12.79 -3.78
C GLU A 208 14.69 -11.37 -4.31
N GLN A 209 14.19 -11.11 -5.51
CA GLN A 209 14.22 -9.76 -6.07
C GLN A 209 12.99 -8.95 -5.72
N LEU A 210 11.85 -9.61 -5.51
CA LEU A 210 10.64 -8.91 -5.11
C LEU A 210 10.80 -8.28 -3.74
N ILE A 211 11.43 -8.99 -2.80
CA ILE A 211 11.60 -8.45 -1.45
C ILE A 211 12.42 -7.16 -1.49
N GLN A 212 13.46 -7.13 -2.32
CA GLN A 212 14.33 -5.96 -2.39
C GLN A 212 13.61 -4.74 -2.95
N ASP A 213 12.49 -4.95 -3.65
CA ASP A 213 11.78 -3.86 -4.29
C ASP A 213 10.86 -3.15 -3.31
N GLN A 214 10.59 -1.87 -3.60
CA GLN A 214 9.76 -1.04 -2.73
C GLN A 214 8.28 -1.45 -2.75
N TYR A 215 7.85 -2.22 -3.74
CA TYR A 215 6.47 -2.66 -3.81
C TYR A 215 6.29 -4.17 -3.74
N GLY A 216 7.34 -4.95 -4.00
CA GLY A 216 7.26 -6.37 -3.76
C GLY A 216 7.05 -6.70 -2.30
N ASN A 217 7.50 -5.83 -1.39
CA ASN A 217 7.37 -6.10 0.03
C ASN A 217 5.92 -5.96 0.47
N TYR A 218 5.16 -5.09 -0.20
CA TYR A 218 3.72 -5.05 0.03
C TYR A 218 3.06 -6.35 -0.39
N VAL A 219 3.49 -6.90 -1.53
CA VAL A 219 2.90 -8.13 -2.04
C VAL A 219 3.19 -9.29 -1.11
N ILE A 220 4.48 -9.51 -0.81
CA ILE A 220 4.87 -10.60 0.07
C ILE A 220 4.25 -10.41 1.45
N GLN A 221 4.25 -9.18 1.95
CA GLN A 221 3.63 -8.90 3.25
C GLN A 221 2.15 -9.29 3.23
N HIS A 222 1.45 -8.96 2.14
CA HIS A 222 0.05 -9.37 2.02
C HIS A 222 -0.07 -10.88 1.93
N VAL A 223 0.93 -11.56 1.39
CA VAL A 223 0.88 -13.01 1.32
C VAL A 223 1.01 -13.63 2.71
N LEU A 224 1.95 -13.12 3.51
CA LEU A 224 2.25 -13.74 4.79
C LEU A 224 1.11 -13.64 5.79
N GLU A 225 0.17 -12.71 5.59
CA GLU A 225 -0.95 -12.54 6.50
C GLU A 225 -2.28 -12.82 5.83
N HIS A 226 -2.29 -13.63 4.77
CA HIS A 226 -3.54 -13.95 4.08
C HIS A 226 -3.51 -15.36 3.49
N GLY A 227 -2.43 -15.72 2.81
CA GLY A 227 -2.38 -16.97 2.08
C GLY A 227 -2.34 -18.20 2.97
N LYS A 228 -2.24 -19.36 2.33
CA LYS A 228 -2.14 -20.62 3.06
C LYS A 228 -0.77 -20.76 3.70
N GLN A 229 -0.74 -21.47 4.83
CA GLN A 229 0.48 -21.81 5.56
C GLN A 229 1.62 -22.31 4.67
N GLU A 230 1.30 -23.14 3.66
CA GLU A 230 2.35 -23.77 2.87
C GLU A 230 3.18 -22.74 2.10
N ASP A 231 2.51 -21.72 1.55
CA ASP A 231 3.24 -20.63 0.91
C ASP A 231 4.21 -19.96 1.89
N LYS A 232 3.75 -19.77 3.13
CA LYS A 232 4.62 -19.18 4.15
C LYS A 232 5.80 -20.09 4.48
N SER A 233 5.60 -21.40 4.43
CA SER A 233 6.72 -22.32 4.64
C SER A 233 7.73 -22.21 3.51
N ILE A 234 7.25 -22.13 2.26
CA ILE A 234 8.15 -22.00 1.12
C ILE A 234 8.94 -20.69 1.22
N LEU A 235 8.25 -19.59 1.51
CA LEU A 235 8.92 -18.29 1.57
C LEU A 235 9.90 -18.23 2.73
N ILE A 236 9.52 -18.75 3.91
CA ILE A 236 10.43 -18.78 5.04
C ILE A 236 11.65 -19.61 4.72
N ASN A 237 11.47 -20.72 3.99
CA ASN A 237 12.62 -21.51 3.57
C ASN A 237 13.46 -20.78 2.53
N SER A 238 12.88 -19.84 1.79
CA SER A 238 13.61 -19.02 0.83
C SER A 238 14.19 -17.74 1.45
N VAL A 239 14.52 -17.78 2.75
CA VAL A 239 15.02 -16.61 3.44
C VAL A 239 16.19 -17.03 4.35
N ARG A 240 16.13 -18.26 4.85
CA ARG A 240 17.15 -18.75 5.79
C ARG A 240 18.55 -18.59 5.22
N GLY A 241 19.19 -17.47 5.53
CA GLY A 241 20.51 -17.17 5.02
C GLY A 241 20.68 -15.70 4.70
N LYS A 242 19.60 -14.95 4.76
CA LYS A 242 19.59 -13.54 4.35
C LYS A 242 19.00 -12.67 5.45
N VAL A 243 19.12 -13.11 6.71
CA VAL A 243 18.49 -12.39 7.80
C VAL A 243 19.19 -11.06 8.04
N LEU A 244 20.51 -11.09 8.24
CA LEU A 244 21.24 -9.85 8.47
C LEU A 244 21.26 -8.98 7.21
N VAL A 245 21.26 -9.60 6.03
CA VAL A 245 21.38 -8.83 4.80
C VAL A 245 20.09 -8.08 4.50
N LEU A 246 18.94 -8.67 4.84
CA LEU A 246 17.66 -8.04 4.56
C LEU A 246 17.15 -7.19 5.72
N SER A 247 17.46 -7.57 6.96
CA SER A 247 17.09 -6.72 8.09
C SER A 247 17.82 -5.38 8.02
N GLN A 248 18.96 -5.36 7.36
CA GLN A 248 19.70 -4.13 7.10
C GLN A 248 19.20 -3.38 5.89
N HIS A 249 18.44 -4.03 5.02
CA HIS A 249 17.86 -3.38 3.85
C HIS A 249 16.62 -2.59 4.25
N LYS A 250 16.25 -1.63 3.40
CA LYS A 250 15.21 -0.67 3.76
C LYS A 250 13.82 -1.31 3.71
N PHE A 251 13.44 -1.83 2.54
CA PHE A 251 12.09 -2.38 2.39
C PHE A 251 11.99 -3.80 2.94
N ALA A 252 13.02 -4.61 2.73
CA ALA A 252 12.98 -6.00 3.16
C ALA A 252 12.81 -6.14 4.67
N SER A 253 13.25 -5.14 5.43
CA SER A 253 13.12 -5.19 6.88
C SER A 253 11.67 -5.35 7.31
N ASN A 254 10.74 -4.78 6.55
CA ASN A 254 9.33 -4.98 6.84
C ASN A 254 8.90 -6.41 6.54
N VAL A 255 9.47 -7.02 5.51
CA VAL A 255 9.19 -8.42 5.20
C VAL A 255 9.67 -9.31 6.34
N VAL A 256 10.84 -9.02 6.89
CA VAL A 256 11.32 -9.76 8.05
C VAL A 256 10.39 -9.55 9.23
N GLU A 257 9.99 -8.30 9.46
CA GLU A 257 9.05 -7.95 10.54
C GLU A 257 7.78 -8.79 10.46
N LYS A 258 6.94 -8.50 9.46
CA LYS A 258 5.70 -9.25 9.25
C LYS A 258 5.93 -10.70 8.83
N CYS A 259 7.18 -11.17 8.82
CA CYS A 259 7.50 -12.57 8.60
C CYS A 259 7.68 -13.32 9.91
N VAL A 260 8.44 -12.76 10.87
CA VAL A 260 8.65 -13.46 12.13
C VAL A 260 7.39 -13.50 12.97
N THR A 261 6.45 -12.58 12.75
CA THR A 261 5.20 -12.61 13.51
C THR A 261 4.32 -13.77 13.08
N HIS A 262 3.97 -13.83 11.79
CA HIS A 262 3.19 -14.93 11.25
C HIS A 262 4.15 -16.06 10.91
N ALA A 263 4.28 -17.02 11.84
CA ALA A 263 5.14 -18.18 11.64
C ALA A 263 4.78 -19.22 12.68
N THR A 264 5.11 -20.47 12.38
CA THR A 264 4.97 -21.53 13.36
C THR A 264 6.14 -21.47 14.35
N ARG A 265 5.90 -22.05 15.53
CA ARG A 265 6.93 -22.09 16.57
C ARG A 265 8.23 -22.70 16.05
N GLY A 266 8.13 -23.70 15.17
CA GLY A 266 9.33 -24.33 14.64
C GLY A 266 10.12 -23.41 13.74
N GLU A 267 9.44 -22.62 12.91
CA GLU A 267 10.13 -21.69 12.02
C GLU A 267 10.64 -20.47 12.80
N ARG A 268 9.86 -19.99 13.77
CA ARG A 268 10.35 -18.95 14.66
C ARG A 268 11.63 -19.40 15.36
N THR A 269 11.64 -20.63 15.87
CA THR A 269 12.83 -21.16 16.52
C THR A 269 13.97 -21.30 15.51
N GLY A 270 13.67 -21.74 14.30
CA GLY A 270 14.71 -21.92 13.30
C GLY A 270 15.41 -20.61 12.96
N LEU A 271 14.62 -19.55 12.72
CA LEU A 271 15.21 -18.27 12.37
C LEU A 271 15.88 -17.63 13.57
N ILE A 272 15.31 -17.79 14.77
CA ILE A 272 15.91 -17.27 15.98
C ILE A 272 17.30 -17.89 16.18
N ASP A 273 17.40 -19.21 16.06
CA ASP A 273 18.71 -19.86 16.17
C ASP A 273 19.61 -19.49 15.01
N GLU A 274 19.04 -19.16 13.85
CA GLU A 274 19.85 -18.66 12.75
C GLU A 274 20.41 -17.28 13.04
N VAL A 275 19.77 -16.51 13.91
CA VAL A 275 20.26 -15.17 14.24
C VAL A 275 21.23 -15.20 15.41
N CYS A 276 20.93 -15.94 16.47
CA CYS A 276 21.78 -15.92 17.66
C CYS A 276 23.18 -16.49 17.39
N THR A 277 23.41 -17.08 16.22
CA THR A 277 24.73 -17.54 15.83
C THR A 277 25.53 -16.49 15.07
N PHE A 278 25.04 -15.24 15.02
CA PHE A 278 25.76 -14.19 14.33
C PHE A 278 27.05 -13.85 15.07
N ASN A 279 28.05 -13.40 14.30
CA ASN A 279 29.39 -13.19 14.83
C ASN A 279 29.49 -11.97 15.73
N ASP A 280 28.73 -11.97 16.84
CA ASP A 280 28.83 -10.92 17.86
C ASP A 280 28.72 -9.51 17.30
N ASN A 281 29.70 -9.08 16.50
CA ASN A 281 29.64 -7.76 15.91
C ASN A 281 28.46 -7.62 14.96
N ALA A 282 28.01 -8.74 14.38
CA ALA A 282 26.81 -8.72 13.56
C ALA A 282 25.58 -8.37 14.40
N LEU A 283 25.58 -8.76 15.68
CA LEU A 283 24.52 -8.32 16.58
C LEU A 283 24.59 -6.82 16.80
N HIS A 284 25.81 -6.26 16.87
CA HIS A 284 25.95 -4.81 16.98
C HIS A 284 25.43 -4.12 15.72
N VAL A 285 25.64 -4.73 14.55
CA VAL A 285 25.05 -4.19 13.34
C VAL A 285 23.53 -4.29 13.40
N MET A 286 23.01 -5.35 14.01
CA MET A 286 21.56 -5.48 14.17
C MET A 286 20.99 -4.35 15.02
N MET A 287 21.51 -4.19 16.23
CA MET A 287 20.97 -3.18 17.14
C MET A 287 21.19 -1.78 16.59
N LYS A 288 22.34 -1.54 15.97
CA LYS A 288 22.64 -0.18 15.51
C LYS A 288 21.80 0.19 14.30
N ASP A 289 21.85 -0.61 13.24
CA ASP A 289 21.35 -0.18 11.94
C ASP A 289 19.89 0.28 12.02
N GLN A 290 19.56 1.23 11.14
CA GLN A 290 18.29 1.95 11.17
C GLN A 290 17.08 1.05 10.93
N TYR A 291 17.27 -0.18 10.50
CA TYR A 291 16.15 -1.05 10.17
C TYR A 291 16.11 -2.32 10.98
N ALA A 292 17.26 -2.94 11.25
CA ALA A 292 17.26 -4.24 11.90
C ALA A 292 16.69 -4.18 13.32
N ASN A 293 16.75 -3.02 13.97
CA ASN A 293 16.23 -2.90 15.32
C ASN A 293 14.72 -3.13 15.36
N TYR A 294 14.01 -2.81 14.27
CA TYR A 294 12.61 -3.18 14.19
C TYR A 294 12.46 -4.70 14.16
N VAL A 295 13.33 -5.39 13.41
CA VAL A 295 13.33 -6.84 13.38
C VAL A 295 13.55 -7.40 14.78
N VAL A 296 14.46 -6.78 15.54
CA VAL A 296 14.67 -7.19 16.92
C VAL A 296 13.39 -7.00 17.73
N GLN A 297 12.80 -5.80 17.65
CA GLN A 297 11.63 -5.49 18.48
C GLN A 297 10.48 -6.45 18.19
N LYS A 298 10.05 -6.55 16.94
CA LYS A 298 8.95 -7.46 16.63
C LYS A 298 9.36 -8.92 16.80
N MET A 299 10.65 -9.22 16.86
CA MET A 299 11.11 -10.56 17.21
C MET A 299 10.96 -10.86 18.69
N ILE A 300 10.98 -9.83 19.54
CA ILE A 300 10.87 -10.04 20.97
C ILE A 300 9.51 -10.62 21.33
N ASP A 301 8.44 -10.05 20.77
CA ASP A 301 7.07 -10.28 21.22
C ASP A 301 6.36 -11.36 20.42
N VAL A 302 7.05 -12.42 20.05
CA VAL A 302 6.41 -13.55 19.37
C VAL A 302 7.00 -14.86 19.90
N SER A 303 8.22 -14.79 20.43
CA SER A 303 8.93 -16.00 20.79
C SER A 303 8.40 -16.61 22.08
N GLU A 304 8.55 -17.92 22.20
CA GLU A 304 8.23 -18.61 23.43
C GLU A 304 9.30 -18.29 24.49
N PRO A 305 8.94 -18.35 25.77
CA PRO A 305 9.92 -18.00 26.83
C PRO A 305 11.20 -18.83 26.80
N THR A 306 11.19 -19.99 26.14
CA THR A 306 12.41 -20.78 26.01
C THR A 306 13.43 -20.06 25.12
N GLN A 307 13.08 -19.86 23.85
CA GLN A 307 13.94 -19.11 22.95
C GLN A 307 14.06 -17.65 23.37
N LEU A 308 13.00 -17.10 23.98
CA LEU A 308 13.07 -15.74 24.50
C LEU A 308 14.17 -15.61 25.55
N LYS A 309 14.23 -16.56 26.49
CA LYS A 309 15.29 -16.52 27.49
C LYS A 309 16.65 -16.89 26.89
N LYS A 310 16.66 -17.70 25.83
CA LYS A 310 17.91 -17.98 25.14
C LYS A 310 18.39 -16.81 24.28
N LEU A 311 17.55 -15.80 24.06
CA LEU A 311 17.97 -14.57 23.40
C LEU A 311 18.27 -13.45 24.37
N MET A 312 17.59 -13.41 25.52
CA MET A 312 17.92 -12.45 26.56
C MET A 312 19.36 -12.65 27.05
N THR A 313 19.76 -13.91 27.21
CA THR A 313 21.11 -14.25 27.64
C THR A 313 22.11 -14.25 26.50
N LYS A 314 21.76 -13.69 25.34
CA LYS A 314 22.65 -13.69 24.18
C LYS A 314 23.10 -12.30 23.77
N ILE A 315 22.22 -11.31 23.76
CA ILE A 315 22.57 -9.96 23.32
C ILE A 315 22.30 -8.98 24.45
N ARG A 316 22.39 -9.46 25.68
CA ARG A 316 22.31 -8.54 26.83
C ARG A 316 23.43 -7.52 26.87
N PRO A 317 24.69 -7.83 26.52
CA PRO A 317 25.72 -6.78 26.57
C PRO A 317 25.47 -5.64 25.58
N HIS A 318 25.09 -5.96 24.34
CA HIS A 318 24.86 -4.92 23.34
C HIS A 318 23.78 -3.93 23.78
N MET A 319 22.88 -4.34 24.69
CA MET A 319 21.92 -3.42 25.28
C MET A 319 22.59 -2.13 25.75
N ALA A 320 23.74 -2.26 26.42
CA ALA A 320 24.46 -1.10 26.95
C ALA A 320 24.99 -0.19 25.85
N ALA A 321 24.38 -0.27 24.65
CA ALA A 321 24.69 0.62 23.54
C ALA A 321 23.42 1.24 22.95
N LEU A 322 22.29 1.14 23.65
CA LEU A 322 21.04 1.72 23.18
C LEU A 322 20.45 2.75 24.13
N ARG A 323 21.06 2.96 25.30
CA ARG A 323 20.52 3.94 26.23
C ARG A 323 20.67 5.36 25.72
N LYS A 324 21.57 5.59 24.75
CA LYS A 324 21.73 6.90 24.14
C LYS A 324 20.76 7.13 22.99
N TYR A 325 20.29 6.06 22.35
CA TYR A 325 19.29 6.18 21.29
C TYR A 325 17.91 6.36 21.90
N THR A 326 16.87 5.99 21.17
CA THR A 326 15.48 6.16 21.62
C THR A 326 14.81 4.82 21.92
N TYR A 327 15.56 3.86 22.47
CA TYR A 327 15.05 2.53 22.76
C TYR A 327 15.05 2.33 24.27
N GLY A 328 13.87 2.46 24.87
CA GLY A 328 13.71 2.19 26.29
C GLY A 328 13.43 0.72 26.55
N LYS A 329 14.39 -0.14 26.19
CA LYS A 329 14.23 -1.58 26.35
C LYS A 329 15.07 -2.10 27.52
N SER B 29 3.78 22.00 18.47
CA SER B 29 5.08 21.43 18.80
C SER B 29 6.18 22.48 18.71
N ARG B 30 6.54 22.84 17.47
CA ARG B 30 7.57 23.84 17.20
C ARG B 30 8.90 23.47 17.85
N HIS B 31 9.16 22.18 17.99
CA HIS B 31 10.35 21.71 18.71
C HIS B 31 11.04 20.60 17.92
N CYS B 32 12.36 20.53 18.11
CA CYS B 32 13.20 19.51 17.50
C CYS B 32 13.17 18.23 18.32
N VAL B 33 13.72 17.16 17.74
CA VAL B 33 13.87 15.88 18.43
C VAL B 33 15.33 15.53 18.64
N PHE B 34 16.18 15.86 17.67
CA PHE B 34 17.61 15.57 17.78
C PHE B 34 18.18 16.17 19.06
N CYS B 35 17.89 17.44 19.31
CA CYS B 35 18.37 18.06 20.55
C CYS B 35 17.70 17.44 21.76
N GLU B 36 16.50 16.88 21.61
CA GLU B 36 15.85 16.24 22.75
C GLU B 36 16.52 14.92 23.10
N ASN B 37 16.90 14.14 22.08
CA ASN B 37 17.52 12.85 22.35
C ASN B 37 18.89 13.01 22.97
N ASN B 38 19.56 14.13 22.73
CA ASN B 38 20.87 14.41 23.30
C ASN B 38 20.78 15.13 24.64
N ASN B 39 19.57 15.25 25.18
CA ASN B 39 19.35 15.80 26.52
C ASN B 39 19.82 17.25 26.63
N GLU B 40 19.68 18.02 25.55
CA GLU B 40 19.98 19.43 25.61
C GLU B 40 18.96 20.12 26.50
N PRO B 41 19.29 21.30 27.04
CA PRO B 41 18.34 22.03 27.88
C PRO B 41 17.00 22.23 27.18
N GLU B 42 15.95 22.39 27.99
CA GLU B 42 14.58 22.36 27.47
C GLU B 42 14.29 23.50 26.50
N ALA B 43 15.03 24.60 26.59
CA ALA B 43 14.81 25.71 25.66
C ALA B 43 15.34 25.38 24.27
N VAL B 44 16.46 24.67 24.19
CA VAL B 44 17.03 24.31 22.89
C VAL B 44 16.15 23.31 22.18
N ILE B 45 15.52 22.40 22.92
CA ILE B 45 14.64 21.43 22.28
C ILE B 45 13.46 22.13 21.64
N ASN B 46 12.85 23.08 22.34
CA ASN B 46 11.72 23.84 21.82
C ASN B 46 12.14 25.00 20.94
N SER B 47 13.44 25.24 20.77
CA SER B 47 13.90 26.41 20.03
C SER B 47 13.64 26.25 18.54
N HIS B 48 14.01 25.10 17.98
CA HIS B 48 13.88 24.87 16.55
C HIS B 48 13.19 23.53 16.33
N SER B 49 12.66 23.35 15.12
CA SER B 49 12.14 22.07 14.71
C SER B 49 13.25 21.26 14.05
N VAL B 50 13.01 19.95 13.91
CA VAL B 50 14.08 19.03 13.52
C VAL B 50 14.65 19.41 12.17
N ARG B 51 13.79 19.59 11.19
CA ARG B 51 14.18 19.93 9.84
C ARG B 51 13.47 21.20 9.39
N ASP B 52 13.74 21.59 8.15
CA ASP B 52 13.13 22.77 7.55
C ASP B 52 11.73 22.40 7.07
N ASN B 53 11.07 23.33 6.38
CA ASN B 53 9.84 23.00 5.68
C ASN B 53 10.10 22.36 4.33
N PHE B 54 11.36 22.29 3.91
CA PHE B 54 11.74 21.73 2.63
C PHE B 54 12.61 20.49 2.79
N ASN B 55 12.51 19.82 3.94
CA ASN B 55 13.33 18.67 4.29
C ASN B 55 14.81 19.01 4.37
N ARG B 56 15.15 20.29 4.47
CA ARG B 56 16.51 20.68 4.80
C ARG B 56 16.73 20.50 6.30
N VAL B 57 17.90 20.01 6.66
CA VAL B 57 18.24 19.89 8.07
C VAL B 57 18.34 21.28 8.69
N LEU B 58 17.69 21.47 9.84
CA LEU B 58 17.63 22.76 10.50
C LEU B 58 18.35 22.80 11.83
N CYS B 59 18.29 21.72 12.61
CA CYS B 59 18.96 21.65 13.89
C CYS B 59 20.45 21.96 13.72
N PRO B 60 20.96 23.01 14.36
CA PRO B 60 22.37 23.38 14.13
C PRO B 60 23.35 22.29 14.55
N LYS B 61 23.02 21.50 15.58
CA LYS B 61 23.93 20.43 15.98
C LYS B 61 24.09 19.41 14.87
N LEU B 62 23.01 19.12 14.15
CA LEU B 62 23.09 18.17 13.05
C LEU B 62 23.76 18.78 11.82
N ARG B 63 23.48 20.06 11.54
CA ARG B 63 24.11 20.70 10.38
C ARG B 63 25.61 20.86 10.58
N THR B 64 26.06 21.01 11.81
CA THR B 64 27.50 21.09 12.07
C THR B 64 28.17 19.77 11.71
N TYR B 65 27.57 18.65 12.12
CA TYR B 65 28.16 17.34 11.94
C TYR B 65 28.34 16.98 10.47
N VAL B 66 29.60 16.91 10.02
CA VAL B 66 29.92 16.46 8.67
C VAL B 66 29.97 14.94 8.67
N CYS B 67 29.27 14.32 7.73
CA CYS B 67 29.15 12.87 7.72
C CYS B 67 30.50 12.21 7.46
N PRO B 68 30.98 11.31 8.33
CA PRO B 68 32.28 10.68 8.07
C PRO B 68 32.27 9.74 6.88
N ILE B 69 31.09 9.30 6.43
CA ILE B 69 30.98 8.40 5.28
C ILE B 69 30.81 9.24 4.02
N CYS B 70 29.59 9.72 3.77
CA CYS B 70 29.30 10.41 2.52
C CYS B 70 29.76 11.86 2.49
N GLY B 71 30.30 12.38 3.60
CA GLY B 71 30.88 13.71 3.60
C GLY B 71 29.88 14.84 3.58
N ALA B 72 28.59 14.58 3.33
CA ALA B 72 27.65 15.67 3.23
C ALA B 72 27.40 16.32 4.60
N SER B 73 26.94 17.57 4.57
CA SER B 73 26.67 18.33 5.78
C SER B 73 25.59 19.37 5.49
N GLY B 74 25.21 20.10 6.53
CA GLY B 74 24.26 21.18 6.38
C GLY B 74 22.88 20.73 5.93
N ASP B 75 22.49 21.08 4.71
CA ASP B 75 21.13 20.80 4.26
C ASP B 75 20.84 19.31 4.23
N SER B 76 21.81 18.51 3.79
CA SER B 76 21.64 17.07 3.68
C SER B 76 22.37 16.31 4.80
N ALA B 77 22.59 16.96 5.93
CA ALA B 77 23.34 16.34 7.01
C ALA B 77 22.57 15.17 7.61
N HIS B 78 23.32 14.25 8.21
CA HIS B 78 22.76 13.06 8.83
C HIS B 78 23.85 12.39 9.64
N THR B 79 23.44 11.49 10.53
CA THR B 79 24.39 10.76 11.33
C THR B 79 24.77 9.46 10.62
N ILE B 80 25.65 8.68 11.25
CA ILE B 80 26.21 7.49 10.62
C ILE B 80 25.13 6.46 10.39
N LYS B 81 24.33 6.18 11.42
CA LYS B 81 23.33 5.12 11.33
C LYS B 81 22.36 5.34 10.18
N TYR B 82 22.12 6.60 9.81
CA TYR B 82 21.16 6.95 8.77
C TYR B 82 21.83 7.41 7.48
N CYS B 83 23.12 7.16 7.31
CA CYS B 83 23.79 7.61 6.10
C CYS B 83 23.28 6.82 4.90
N PRO B 84 23.06 7.49 3.76
CA PRO B 84 22.65 6.75 2.55
C PRO B 84 23.71 5.78 2.06
N LYS B 85 24.98 6.03 2.37
CA LYS B 85 26.08 5.16 1.97
C LYS B 85 26.50 4.21 3.08
N LYS B 86 25.74 4.14 4.17
CA LYS B 86 25.95 3.12 5.20
C LYS B 86 25.81 1.75 4.54
N PRO B 87 26.90 1.00 4.42
CA PRO B 87 26.88 -0.18 3.56
C PRO B 87 26.08 -1.33 4.16
N ILE B 88 25.49 -2.12 3.27
CA ILE B 88 24.78 -3.33 3.66
C ILE B 88 25.82 -4.41 3.96
N ILE B 89 25.68 -5.05 5.12
CA ILE B 89 26.69 -5.96 5.64
C ILE B 89 26.14 -7.39 5.59
N THR B 90 26.81 -8.25 4.84
CA THR B 90 26.46 -9.66 4.77
C THR B 90 27.11 -10.43 5.90
N MET B 91 26.90 -11.75 5.92
CA MET B 91 27.56 -12.60 6.89
C MET B 91 29.06 -12.68 6.64
N GLU B 92 29.47 -12.53 5.37
CA GLU B 92 30.88 -12.58 5.03
C GLU B 92 31.65 -11.43 5.69
N ASP B 93 31.10 -10.22 5.61
CA ASP B 93 31.74 -9.08 6.27
C ASP B 93 31.73 -9.22 7.79
N ALA B 94 30.82 -10.04 8.34
CA ALA B 94 30.82 -10.34 9.77
C ALA B 94 31.81 -11.44 10.13
N ILE B 95 32.19 -12.29 9.18
CA ILE B 95 33.23 -13.28 9.43
C ILE B 95 34.61 -12.65 9.32
N LYS B 96 34.84 -11.86 8.27
CA LYS B 96 36.17 -11.29 8.04
C LYS B 96 36.55 -10.26 9.09
N ALA B 97 35.59 -9.70 9.81
CA ALA B 97 35.88 -8.73 10.86
C ALA B 97 35.36 -9.19 12.22
#